data_3EKI
#
_entry.id   3EKI
#
_cell.length_a   49.457
_cell.length_b   67.586
_cell.length_c   59.838
_cell.angle_alpha   90.00
_cell.angle_beta   106.28
_cell.angle_gamma   90.00
#
_symmetry.space_group_name_H-M   'P 1 21 1'
#
loop_
_entity.id
_entity.type
_entity.pdbx_description
1 polymer 'High affinity transport system protein p37'
2 non-polymer 'THIAMINE DIPHOSPHATE'
3 non-polymer GLYCEROL
4 non-polymer 'CALCIUM ION'
5 non-polymer 'BROMIDE ION'
6 water water
#
_entity_poly.entity_id   1
_entity_poly.type   'polypeptide(L)'
_entity_poly.pdbx_seq_one_letter_code
;MLKKLKNFILFSSIFSPIAFAISCSNTGVVKQEDVSVSQGQWDKSITFGVSEAWLNKKKGGEKVNKEVINTFLENFKKEF
NKLKNANDKTKNFDDVDFKVTPIQDFTVLLNNLSTDNPELDFGINASGKLVEFLKNNPGIITPALETTTNSFVFDKEKDK
FYVDGTDSDPLVKIAKEINKIFVETPYASWTDENHKWNGNVYQSVYDPTVQANFYRGMIWIKGNDETLAKIKKAWNDKDW
NTFRNFGILHGKDNSSSKFKLEETILKNHFQNKFTTLNEDRSAHPNAYKQKSADTLGTLDDFHIAFSEEGSFAWTHNKSA
TKPFETKANEKMEALIVTNPIPYDVGVFRKSVNQLEQNLIVQTFINLAKNKQDTYGPLLGYNGYKKIDNFQKEIVEVYEK
AIK
;
_entity_poly.pdbx_strand_id   A
#
loop_
_chem_comp.id
_chem_comp.type
_chem_comp.name
_chem_comp.formula
BR non-polymer 'BROMIDE ION' 'Br -1'
CA non-polymer 'CALCIUM ION' 'Ca 2'
GOL non-polymer GLYCEROL 'C3 H8 O3'
TPP non-polymer 'THIAMINE DIPHOSPHATE' 'C12 H19 N4 O7 P2 S 1'
#
# COMPACT_ATOMS: atom_id res chain seq x y z
N GLN A 39 -8.87 30.52 -3.01
CA GLN A 39 -9.94 30.08 -2.12
C GLN A 39 -10.71 28.86 -2.68
N GLY A 40 -11.17 28.99 -3.91
CA GLY A 40 -11.86 27.98 -4.68
C GLY A 40 -13.37 28.07 -4.50
N GLN A 41 -14.11 27.40 -5.36
CA GLN A 41 -15.57 27.43 -5.31
C GLN A 41 -16.17 26.34 -4.41
N TRP A 42 -17.14 26.75 -3.59
CA TRP A 42 -17.92 25.77 -2.83
C TRP A 42 -18.67 24.89 -3.79
N ASP A 43 -18.61 23.57 -3.61
CA ASP A 43 -19.27 22.67 -4.53
C ASP A 43 -20.32 21.89 -3.75
N LYS A 44 -21.59 22.01 -4.09
CA LYS A 44 -22.64 21.36 -3.31
C LYS A 44 -22.77 19.89 -3.59
N SER A 45 -21.98 19.35 -4.49
CA SER A 45 -21.95 17.93 -4.83
C SER A 45 -20.49 17.48 -4.80
N ILE A 46 -20.14 16.53 -3.93
CA ILE A 46 -18.78 16.04 -3.89
C ILE A 46 -18.80 14.58 -4.32
N THR A 47 -17.99 14.26 -5.30
CA THR A 47 -17.86 12.91 -5.81
C THR A 47 -16.45 12.36 -5.55
N PHE A 48 -16.35 11.26 -4.83
CA PHE A 48 -15.11 10.53 -4.62
C PHE A 48 -14.89 9.46 -5.69
N GLY A 49 -13.69 9.36 -6.24
CA GLY A 49 -13.34 8.29 -7.15
C GLY A 49 -12.99 7.08 -6.30
N VAL A 50 -13.53 5.93 -6.70
CA VAL A 50 -13.19 4.66 -6.06
C VAL A 50 -12.98 3.61 -7.15
N SER A 51 -12.17 2.62 -6.78
CA SER A 51 -11.83 1.60 -7.77
C SER A 51 -13.07 0.91 -8.33
N GLU A 52 -13.11 0.83 -9.64
CA GLU A 52 -14.13 0.23 -10.48
C GLU A 52 -14.27 -1.24 -10.14
N ALA A 53 -13.16 -1.95 -10.16
CA ALA A 53 -13.11 -3.35 -9.76
C ALA A 53 -13.71 -3.56 -8.38
N TRP A 54 -13.37 -2.65 -7.46
CA TRP A 54 -13.86 -2.84 -6.09
C TRP A 54 -15.38 -2.69 -5.99
N LEU A 55 -15.87 -1.67 -6.65
CA LEU A 55 -17.26 -1.23 -6.58
C LEU A 55 -18.17 -2.30 -7.19
N ASN A 56 -17.74 -2.82 -8.33
CA ASN A 56 -18.53 -3.80 -9.06
C ASN A 56 -18.16 -5.22 -8.67
N LYS A 57 -17.41 -5.41 -7.59
CA LYS A 57 -16.98 -6.74 -7.14
C LYS A 57 -18.08 -7.48 -6.40
N LYS A 58 -18.04 -8.82 -6.33
CA LYS A 58 -19.10 -9.42 -5.53
C LYS A 58 -18.75 -10.70 -4.78
N LYS A 59 -19.64 -10.94 -3.84
CA LYS A 59 -19.88 -12.03 -2.92
C LYS A 59 -21.34 -12.46 -3.09
N GLY A 60 -21.55 -13.76 -3.29
CA GLY A 60 -22.86 -14.35 -3.45
C GLY A 60 -23.66 -13.82 -4.61
N GLY A 61 -23.00 -13.23 -5.61
CA GLY A 61 -23.78 -12.67 -6.72
C GLY A 61 -24.28 -11.29 -6.33
N GLU A 62 -23.92 -10.88 -5.11
CA GLU A 62 -24.37 -9.59 -4.59
C GLU A 62 -23.30 -8.52 -4.72
N LYS A 63 -23.72 -7.31 -5.06
CA LYS A 63 -22.82 -6.16 -5.08
C LYS A 63 -22.61 -5.68 -3.64
N VAL A 64 -21.82 -6.42 -2.89
CA VAL A 64 -21.62 -6.17 -1.46
C VAL A 64 -21.05 -4.77 -1.23
N ASN A 65 -20.10 -4.40 -2.07
CA ASN A 65 -19.35 -3.16 -1.85
C ASN A 65 -20.20 -1.94 -2.11
N LYS A 66 -21.19 -2.11 -2.98
CA LYS A 66 -22.18 -1.07 -3.22
C LYS A 66 -22.86 -0.66 -1.92
N GLU A 67 -23.25 -1.67 -1.14
CA GLU A 67 -23.91 -1.46 0.13
C GLU A 67 -23.01 -0.79 1.16
N VAL A 68 -21.74 -1.20 1.18
CA VAL A 68 -20.75 -0.63 2.10
C VAL A 68 -20.56 0.85 1.74
N ILE A 69 -20.45 1.12 0.45
CA ILE A 69 -20.14 2.50 0.04
C ILE A 69 -21.32 3.42 0.30
N ASN A 70 -22.53 2.93 0.10
CA ASN A 70 -23.71 3.74 0.41
C ASN A 70 -23.83 4.06 1.89
N THR A 71 -23.55 3.12 2.79
CA THR A 71 -23.54 3.44 4.21
C THR A 71 -22.49 4.47 4.54
N PHE A 72 -21.31 4.24 3.92
CA PHE A 72 -20.24 5.21 4.14
C PHE A 72 -20.66 6.61 3.69
N LEU A 73 -21.24 6.69 2.49
CA LEU A 73 -21.58 8.02 1.98
C LEU A 73 -22.64 8.75 2.80
N GLU A 74 -23.58 7.99 3.33
CA GLU A 74 -24.60 8.54 4.19
C GLU A 74 -23.97 9.02 5.49
N ASN A 75 -23.12 8.20 6.12
CA ASN A 75 -22.46 8.65 7.34
C ASN A 75 -21.60 9.89 7.10
N PHE A 76 -20.96 9.93 5.95
CA PHE A 76 -20.09 11.03 5.60
C PHE A 76 -20.88 12.33 5.42
N LYS A 77 -21.96 12.20 4.64
CA LYS A 77 -22.80 13.39 4.44
C LYS A 77 -23.35 13.95 5.74
N LYS A 78 -23.80 13.06 6.63
CA LYS A 78 -24.35 13.57 7.89
C LYS A 78 -23.32 14.25 8.76
N GLU A 79 -22.12 13.69 8.95
CA GLU A 79 -21.08 14.31 9.76
C GLU A 79 -20.56 15.59 9.12
N PHE A 80 -20.35 15.52 7.80
CA PHE A 80 -19.85 16.70 7.09
C PHE A 80 -20.81 17.87 7.36
N ASN A 81 -22.10 17.62 7.10
CA ASN A 81 -22.98 18.82 7.14
C ASN A 81 -23.18 19.29 8.56
N LYS A 82 -23.07 18.36 9.52
CA LYS A 82 -23.09 18.81 10.93
C LYS A 82 -21.96 19.75 11.23
N LEU A 83 -20.74 19.39 10.83
CA LEU A 83 -19.58 20.24 11.03
C LEU A 83 -19.71 21.58 10.33
N LYS A 84 -20.18 21.47 9.08
CA LYS A 84 -20.38 22.62 8.22
C LYS A 84 -21.33 23.62 8.88
N ASN A 85 -22.44 23.10 9.36
CA ASN A 85 -23.50 24.00 9.87
C ASN A 85 -23.29 24.46 11.30
N ALA A 86 -22.36 23.87 12.02
CA ALA A 86 -22.03 24.29 13.37
C ALA A 86 -21.06 25.46 13.42
N ASN A 87 -20.59 25.96 12.30
CA ASN A 87 -19.54 26.95 12.18
C ASN A 87 -19.97 28.12 11.30
N ASP A 88 -19.89 29.34 11.80
CA ASP A 88 -20.29 30.53 11.07
C ASP A 88 -19.61 30.68 9.73
N LYS A 89 -18.33 30.26 9.72
CA LYS A 89 -17.58 30.40 8.49
C LYS A 89 -18.22 29.63 7.35
N THR A 90 -18.95 28.55 7.65
CA THR A 90 -19.43 27.72 6.54
C THR A 90 -20.93 27.41 6.54
N LYS A 91 -21.66 27.81 7.55
CA LYS A 91 -23.06 27.40 7.72
C LYS A 91 -23.97 27.97 6.66
N ASN A 92 -23.59 29.08 6.04
CA ASN A 92 -24.42 29.67 5.00
C ASN A 92 -24.21 29.15 3.60
N PHE A 93 -23.20 28.29 3.34
CA PHE A 93 -23.07 27.68 2.01
C PHE A 93 -24.15 26.60 1.82
N ASP A 94 -24.34 26.12 0.61
CA ASP A 94 -25.25 25.02 0.38
C ASP A 94 -24.74 23.76 1.11
N ASP A 95 -25.71 23.02 1.64
CA ASP A 95 -25.40 21.68 2.15
C ASP A 95 -24.88 20.82 1.00
N VAL A 96 -24.05 19.82 1.34
CA VAL A 96 -23.34 19.03 0.35
C VAL A 96 -23.81 17.58 0.32
N ASP A 97 -23.99 17.09 -0.89
CA ASP A 97 -24.26 15.68 -1.17
C ASP A 97 -22.97 14.95 -1.54
N PHE A 98 -22.83 13.69 -1.15
CA PHE A 98 -21.63 12.92 -1.47
C PHE A 98 -21.96 11.66 -2.27
N LYS A 99 -21.14 11.46 -3.30
CA LYS A 99 -21.34 10.41 -4.28
C LYS A 99 -19.99 9.73 -4.53
N VAL A 100 -19.99 8.59 -5.20
CA VAL A 100 -18.78 7.96 -5.72
C VAL A 100 -18.99 7.72 -7.22
N THR A 101 -17.84 7.60 -7.87
CA THR A 101 -17.79 7.27 -9.29
C THR A 101 -16.70 6.21 -9.47
N PRO A 102 -16.90 5.18 -10.28
CA PRO A 102 -15.84 4.18 -10.50
C PRO A 102 -14.67 4.75 -11.28
N ILE A 103 -13.47 4.39 -10.86
CA ILE A 103 -12.25 4.79 -11.55
C ILE A 103 -11.39 3.58 -11.90
N GLN A 104 -11.00 3.54 -13.16
CA GLN A 104 -10.34 2.34 -13.71
C GLN A 104 -9.01 2.08 -13.04
N ASP A 105 -8.19 3.10 -12.84
CA ASP A 105 -6.88 2.93 -12.21
C ASP A 105 -6.32 4.28 -11.80
N PHE A 106 -5.18 4.27 -11.13
CA PHE A 106 -4.70 5.52 -10.54
C PHE A 106 -4.33 6.55 -11.59
N THR A 107 -3.83 6.12 -12.77
CA THR A 107 -3.52 7.15 -13.76
C THR A 107 -4.77 7.95 -14.12
N VAL A 108 -5.87 7.23 -14.30
CA VAL A 108 -7.14 7.89 -14.59
C VAL A 108 -7.53 8.81 -13.44
N LEU A 109 -7.28 8.39 -12.21
CA LEU A 109 -7.68 9.25 -11.09
C LEU A 109 -6.92 10.56 -11.13
N LEU A 110 -5.59 10.44 -11.26
CA LEU A 110 -4.79 11.65 -11.18
C LEU A 110 -4.98 12.50 -12.43
N ASN A 111 -5.08 11.88 -13.60
CA ASN A 111 -5.35 12.71 -14.78
C ASN A 111 -6.70 13.41 -14.68
N ASN A 112 -7.70 12.68 -14.21
CA ASN A 112 -9.04 13.30 -14.19
C ASN A 112 -9.10 14.36 -13.11
N LEU A 113 -8.45 14.16 -11.97
CA LEU A 113 -8.44 15.22 -10.98
C LEU A 113 -7.72 16.46 -11.51
N SER A 114 -6.72 16.23 -12.36
CA SER A 114 -5.97 17.37 -12.88
C SER A 114 -6.76 18.20 -13.87
N THR A 115 -7.85 17.67 -14.40
CA THR A 115 -8.65 18.52 -15.30
C THR A 115 -9.46 19.55 -14.50
N ASP A 116 -9.69 19.29 -13.23
CA ASP A 116 -10.41 20.15 -12.31
C ASP A 116 -11.86 20.30 -12.76
N ASN A 117 -12.49 19.18 -13.05
CA ASN A 117 -13.87 19.06 -13.48
C ASN A 117 -14.70 18.69 -12.26
N PRO A 118 -15.76 19.42 -11.93
CA PRO A 118 -16.54 19.09 -10.74
C PRO A 118 -17.21 17.73 -10.72
N GLU A 119 -17.19 16.94 -11.79
CA GLU A 119 -17.73 15.60 -11.77
C GLU A 119 -16.85 14.64 -10.95
N LEU A 120 -15.61 15.02 -10.67
CA LEU A 120 -14.71 14.21 -9.86
C LEU A 120 -13.86 15.14 -8.99
N ASP A 121 -14.13 15.10 -7.69
CA ASP A 121 -13.57 16.08 -6.76
C ASP A 121 -12.41 15.58 -5.89
N PHE A 122 -12.37 14.28 -5.63
CA PHE A 122 -11.40 13.78 -4.67
C PHE A 122 -11.15 12.30 -4.90
N GLY A 123 -9.95 11.88 -4.52
CA GLY A 123 -9.72 10.43 -4.41
C GLY A 123 -8.49 10.15 -3.59
N ILE A 124 -8.24 8.87 -3.27
CA ILE A 124 -7.12 8.49 -2.42
C ILE A 124 -6.15 7.61 -3.23
N ASN A 125 -4.89 8.03 -3.23
CA ASN A 125 -3.87 7.50 -4.12
C ASN A 125 -2.64 7.03 -3.34
N ALA A 126 -1.98 6.04 -3.95
CA ALA A 126 -0.71 5.62 -3.35
C ALA A 126 0.23 6.82 -3.28
N SER A 127 0.95 6.96 -2.17
CA SER A 127 1.79 8.13 -1.99
C SER A 127 2.93 8.26 -2.99
N GLY A 128 3.66 7.17 -3.27
CA GLY A 128 4.80 7.29 -4.17
C GLY A 128 4.37 7.73 -5.54
N LYS A 129 3.35 7.08 -6.09
CA LYS A 129 2.84 7.40 -7.41
C LYS A 129 2.39 8.87 -7.47
N LEU A 130 1.80 9.32 -6.37
CA LEU A 130 1.37 10.73 -6.36
C LEU A 130 2.55 11.67 -6.35
N VAL A 131 3.57 11.36 -5.54
CA VAL A 131 4.76 12.20 -5.50
C VAL A 131 5.36 12.28 -6.89
N GLU A 132 5.50 11.15 -7.58
CA GLU A 132 6.10 11.15 -8.92
C GLU A 132 5.22 11.93 -9.89
N PHE A 133 3.89 11.87 -9.72
CA PHE A 133 3.01 12.60 -10.63
C PHE A 133 3.18 14.09 -10.41
N LEU A 134 3.22 14.51 -9.14
CA LEU A 134 3.34 15.93 -8.84
C LEU A 134 4.72 16.49 -9.16
N LYS A 135 5.76 15.65 -9.18
CA LYS A 135 7.07 16.11 -9.63
C LYS A 135 6.98 16.58 -11.07
N ASN A 136 6.22 15.85 -11.87
CA ASN A 136 6.01 16.13 -13.28
C ASN A 136 4.98 17.25 -13.47
N ASN A 137 4.07 17.40 -12.52
CA ASN A 137 2.94 18.33 -12.69
C ASN A 137 2.70 19.14 -11.42
N PRO A 138 3.64 20.01 -11.05
CA PRO A 138 3.61 20.60 -9.72
C PRO A 138 2.37 21.47 -9.49
N GLY A 139 1.76 21.28 -8.34
CA GLY A 139 0.60 21.91 -7.79
C GLY A 139 -0.68 21.72 -8.56
N ILE A 140 -0.76 20.77 -9.46
CA ILE A 140 -1.90 20.62 -10.36
C ILE A 140 -3.13 20.08 -9.63
N ILE A 141 -2.92 19.34 -8.56
CA ILE A 141 -3.94 18.80 -7.66
C ILE A 141 -3.44 19.03 -6.24
N THR A 142 -4.30 18.92 -5.22
CA THR A 142 -3.97 19.32 -3.87
C THR A 142 -4.09 18.21 -2.85
N PRO A 143 -2.95 17.69 -2.40
CA PRO A 143 -2.95 16.66 -1.35
C PRO A 143 -3.47 17.25 -0.06
N ALA A 144 -4.31 16.50 0.63
CA ALA A 144 -4.91 16.99 1.86
C ALA A 144 -5.06 16.01 3.04
N LEU A 145 -5.25 14.74 2.72
CA LEU A 145 -5.53 13.72 3.72
C LEU A 145 -4.40 12.70 3.72
N GLU A 146 -3.90 12.32 4.89
CA GLU A 146 -2.97 11.21 4.97
C GLU A 146 -3.69 10.05 5.64
N THR A 147 -3.76 8.88 5.00
CA THR A 147 -4.31 7.71 5.70
C THR A 147 -3.23 7.08 6.59
N THR A 148 -3.65 6.31 7.57
CA THR A 148 -2.77 5.51 8.42
C THR A 148 -3.36 4.10 8.48
N THR A 149 -2.54 3.11 8.82
CA THR A 149 -3.01 1.73 8.88
C THR A 149 -2.62 1.11 10.21
N ASN A 150 -3.38 0.13 10.69
CA ASN A 150 -3.01 -0.66 11.86
C ASN A 150 -1.59 -1.20 11.66
N SER A 151 -0.71 -0.98 12.63
CA SER A 151 0.65 -1.49 12.56
C SER A 151 0.65 -3.00 12.56
N PHE A 152 1.60 -3.62 11.86
CA PHE A 152 1.87 -5.03 12.04
C PHE A 152 2.59 -5.26 13.37
N VAL A 153 2.33 -6.40 14.00
CA VAL A 153 3.02 -6.70 15.23
C VAL A 153 4.54 -6.74 15.07
N PHE A 154 5.00 -7.00 13.86
CA PHE A 154 6.44 -7.09 13.55
C PHE A 154 7.04 -5.81 12.99
N ASP A 155 6.32 -4.69 12.87
CA ASP A 155 6.86 -3.46 12.28
C ASP A 155 6.12 -2.24 12.81
N LYS A 156 6.32 -1.94 14.09
CA LYS A 156 5.61 -0.83 14.74
C LYS A 156 6.38 0.50 14.77
N GLU A 157 7.62 0.48 14.31
CA GLU A 157 8.49 1.63 14.30
C GLU A 157 8.91 2.02 12.87
N LYS A 158 8.50 3.25 12.53
CA LYS A 158 8.76 3.69 11.18
C LYS A 158 10.24 3.78 10.83
N ASP A 159 11.00 4.43 11.73
CA ASP A 159 12.32 4.88 11.28
C ASP A 159 13.38 3.79 11.43
N LYS A 160 13.23 2.76 10.60
CA LYS A 160 14.17 1.67 10.40
C LYS A 160 14.52 1.63 8.91
N PHE A 161 15.79 1.78 8.59
CA PHE A 161 16.28 1.85 7.24
C PHE A 161 17.45 0.88 7.00
N TYR A 162 17.72 0.64 5.73
CA TYR A 162 18.83 -0.21 5.34
C TYR A 162 20.13 0.29 5.96
N VAL A 163 20.94 -0.66 6.42
CA VAL A 163 22.25 -0.35 6.98
C VAL A 163 23.30 -1.17 6.23
N ASP A 164 23.23 -2.49 6.33
CA ASP A 164 24.21 -3.32 5.64
C ASP A 164 23.77 -4.69 5.18
N GLY A 165 22.50 -5.06 5.31
CA GLY A 165 22.01 -6.34 4.88
C GLY A 165 22.45 -7.55 5.67
N THR A 166 23.12 -7.36 6.79
CA THR A 166 23.48 -8.47 7.64
C THR A 166 22.41 -8.79 8.67
N ASP A 167 22.66 -9.82 9.47
CA ASP A 167 21.71 -10.25 10.50
C ASP A 167 21.33 -9.13 11.46
N SER A 168 22.19 -8.13 11.58
CA SER A 168 21.94 -7.07 12.55
C SER A 168 21.22 -5.88 11.90
N ASP A 169 21.01 -5.96 10.60
CA ASP A 169 20.33 -4.89 9.86
C ASP A 169 18.88 -4.81 10.35
N PRO A 170 18.36 -3.62 10.65
CA PRO A 170 16.99 -3.52 11.14
C PRO A 170 15.96 -4.10 10.17
N LEU A 171 16.20 -4.00 8.88
CA LEU A 171 15.24 -4.51 7.89
C LEU A 171 15.29 -6.04 7.82
N VAL A 172 16.46 -6.59 8.12
CA VAL A 172 16.62 -8.04 8.19
C VAL A 172 15.97 -8.56 9.45
N LYS A 173 16.09 -7.83 10.54
CA LYS A 173 15.43 -8.22 11.80
C LYS A 173 13.92 -8.27 11.61
N ILE A 174 13.34 -7.30 10.91
CA ILE A 174 11.89 -7.42 10.67
C ILE A 174 11.53 -8.64 9.86
N ALA A 175 12.36 -8.95 8.85
CA ALA A 175 12.13 -10.15 8.02
C ALA A 175 12.16 -11.41 8.90
N LYS A 176 13.06 -11.45 9.87
CA LYS A 176 13.10 -12.65 10.73
CA LYS A 176 13.14 -12.58 10.79
C LYS A 176 11.85 -12.72 11.59
N GLU A 177 11.29 -11.61 12.01
CA GLU A 177 10.04 -11.60 12.77
C GLU A 177 8.88 -12.04 11.90
N ILE A 178 8.87 -11.65 10.63
CA ILE A 178 7.87 -12.12 9.68
C ILE A 178 7.95 -13.64 9.54
N ASN A 179 9.16 -14.18 9.45
CA ASN A 179 9.34 -15.61 9.28
C ASN A 179 8.85 -16.40 10.49
N LYS A 180 8.97 -15.83 11.68
CA LYS A 180 8.48 -16.47 12.89
C LYS A 180 6.95 -16.58 12.84
N ILE A 181 6.31 -15.67 12.12
CA ILE A 181 4.86 -15.69 11.98
C ILE A 181 4.37 -16.47 10.81
N PHE A 182 5.09 -16.45 9.69
CA PHE A 182 4.65 -17.00 8.42
C PHE A 182 5.25 -18.36 8.10
N VAL A 183 6.48 -18.56 8.57
CA VAL A 183 7.18 -19.83 8.30
C VAL A 183 7.13 -20.78 9.51
N GLU A 184 7.56 -20.31 10.67
CA GLU A 184 7.60 -21.19 11.85
C GLU A 184 6.22 -21.75 12.21
N THR A 185 5.22 -20.88 12.24
CA THR A 185 3.80 -21.27 12.27
C THR A 185 3.31 -21.20 10.83
N PRO A 186 3.31 -22.28 10.08
CA PRO A 186 3.15 -22.19 8.63
C PRO A 186 1.83 -21.56 8.20
N TYR A 187 1.88 -20.52 7.34
CA TYR A 187 0.69 -19.88 6.81
C TYR A 187 -0.37 -20.84 6.27
N ALA A 188 0.03 -21.90 5.59
CA ALA A 188 -0.89 -22.88 5.01
C ALA A 188 -1.76 -23.56 6.06
N SER A 189 -1.36 -23.52 7.32
CA SER A 189 -2.14 -24.19 8.35
C SER A 189 -2.83 -23.21 9.27
N TRP A 190 -2.68 -21.90 9.00
CA TRP A 190 -3.45 -20.91 9.73
C TRP A 190 -4.95 -21.18 9.56
N THR A 191 -5.71 -20.84 10.61
CA THR A 191 -7.15 -20.98 10.46
C THR A 191 -7.79 -19.62 10.67
N ASP A 192 -9.03 -19.53 10.16
CA ASP A 192 -9.76 -18.29 10.33
C ASP A 192 -9.86 -17.95 11.81
N GLU A 193 -10.05 -18.99 12.61
CA GLU A 193 -10.26 -18.84 14.04
C GLU A 193 -9.01 -18.48 14.85
N ASN A 194 -7.86 -19.05 14.49
CA ASN A 194 -6.68 -18.86 15.31
C ASN A 194 -5.78 -17.74 14.79
N HIS A 195 -6.02 -17.25 13.58
CA HIS A 195 -5.41 -15.98 13.17
C HIS A 195 -6.46 -14.86 13.00
N LYS A 196 -7.66 -15.05 13.52
CA LYS A 196 -8.74 -14.06 13.56
C LYS A 196 -9.02 -13.38 12.22
N TRP A 197 -9.28 -14.18 11.21
CA TRP A 197 -9.71 -13.70 9.91
C TRP A 197 -11.07 -13.02 10.07
N ASN A 198 -11.24 -11.82 9.57
CA ASN A 198 -12.55 -11.14 9.75
C ASN A 198 -13.21 -10.88 8.40
N GLY A 199 -12.75 -11.59 7.39
CA GLY A 199 -13.18 -11.46 6.01
C GLY A 199 -12.31 -10.48 5.22
N ASN A 200 -11.60 -9.65 5.96
CA ASN A 200 -10.72 -8.61 5.46
C ASN A 200 -9.23 -8.90 5.64
N VAL A 201 -8.82 -9.08 6.89
CA VAL A 201 -7.47 -9.36 7.32
C VAL A 201 -7.45 -10.44 8.42
N TYR A 202 -6.26 -11.02 8.56
CA TYR A 202 -5.94 -11.80 9.74
C TYR A 202 -5.55 -10.87 10.87
N GLN A 203 -6.51 -10.58 11.77
CA GLN A 203 -6.28 -9.56 12.78
C GLN A 203 -5.15 -9.87 13.73
N SER A 204 -4.81 -11.17 13.90
CA SER A 204 -3.81 -11.49 14.89
C SER A 204 -2.42 -10.98 14.52
N VAL A 205 -2.21 -10.57 13.26
CA VAL A 205 -0.87 -10.10 12.89
C VAL A 205 -0.71 -8.59 13.01
N TYR A 206 -1.72 -7.91 13.57
CA TYR A 206 -1.71 -6.48 13.75
C TYR A 206 -1.81 -6.02 15.21
N ASP A 207 -1.33 -4.82 15.43
CA ASP A 207 -1.49 -4.10 16.67
C ASP A 207 -2.31 -2.83 16.41
N PRO A 208 -3.63 -2.93 16.52
CA PRO A 208 -4.47 -1.77 16.20
C PRO A 208 -4.25 -0.57 17.10
N THR A 209 -3.57 -0.74 18.24
CA THR A 209 -3.46 0.41 19.13
C THR A 209 -2.36 1.34 18.68
N VAL A 210 -1.60 0.89 17.69
CA VAL A 210 -0.56 1.71 17.11
C VAL A 210 -0.82 1.92 15.62
N GLN A 211 -1.04 3.17 15.23
CA GLN A 211 -1.20 3.49 13.82
C GLN A 211 0.16 3.72 13.17
N ALA A 212 0.34 3.08 12.03
CA ALA A 212 1.50 3.27 11.20
C ALA A 212 1.15 4.24 10.06
N ASN A 213 1.91 5.33 10.00
CA ASN A 213 1.84 6.29 8.92
C ASN A 213 2.85 5.97 7.81
N PHE A 214 2.95 4.66 7.57
CA PHE A 214 3.88 4.17 6.56
C PHE A 214 3.55 2.74 6.16
N TYR A 215 4.18 2.24 5.12
CA TYR A 215 4.22 0.82 4.80
C TYR A 215 5.57 0.60 4.12
N ARG A 216 5.88 -0.67 3.90
CA ARG A 216 7.11 -1.10 3.25
C ARG A 216 6.83 -2.15 2.18
N GLY A 217 7.81 -2.42 1.33
CA GLY A 217 7.85 -3.60 0.51
C GLY A 217 8.69 -4.67 1.23
N MET A 218 8.78 -5.80 0.54
CA MET A 218 9.61 -6.89 1.10
C MET A 218 10.10 -7.76 -0.03
N ILE A 219 11.20 -8.46 0.22
CA ILE A 219 11.75 -9.40 -0.73
C ILE A 219 11.64 -10.81 -0.14
N TRP A 220 11.00 -11.67 -0.89
CA TRP A 220 10.85 -13.09 -0.61
C TRP A 220 11.88 -13.89 -1.38
N ILE A 221 12.25 -15.04 -0.79
CA ILE A 221 13.03 -16.08 -1.45
C ILE A 221 12.33 -17.42 -1.26
N LYS A 222 12.56 -18.29 -2.24
CA LYS A 222 11.90 -19.60 -2.24
C LYS A 222 12.83 -20.66 -2.76
N GLY A 223 12.84 -21.83 -2.15
CA GLY A 223 13.55 -22.95 -2.77
C GLY A 223 13.57 -24.15 -1.82
N ASN A 224 14.22 -25.20 -2.28
CA ASN A 224 14.64 -26.24 -1.33
C ASN A 224 15.81 -25.73 -0.50
N ASP A 225 16.23 -26.56 0.47
CA ASP A 225 17.27 -26.12 1.38
C ASP A 225 18.57 -25.68 0.70
N GLU A 226 18.99 -26.45 -0.30
CA GLU A 226 20.25 -26.13 -0.99
C GLU A 226 20.11 -24.81 -1.75
N THR A 227 18.97 -24.62 -2.42
CA THR A 227 18.74 -23.37 -3.19
C THR A 227 18.65 -22.18 -2.26
N LEU A 228 17.94 -22.26 -1.14
CA LEU A 228 17.86 -21.14 -0.21
C LEU A 228 19.24 -20.75 0.27
N ALA A 229 20.09 -21.77 0.53
CA ALA A 229 21.43 -21.47 1.00
C ALA A 229 22.26 -20.74 -0.06
N LYS A 230 22.09 -21.15 -1.31
CA LYS A 230 22.82 -20.53 -2.39
C LYS A 230 22.36 -19.08 -2.59
N ILE A 231 21.04 -18.85 -2.41
CA ILE A 231 20.55 -17.47 -2.56
C ILE A 231 21.10 -16.58 -1.48
N LYS A 232 21.08 -17.06 -0.24
CA LYS A 232 21.60 -16.36 0.93
C LYS A 232 23.09 -16.14 0.77
N LYS A 233 23.82 -17.12 0.26
CA LYS A 233 25.25 -16.95 0.03
C LYS A 233 25.52 -15.85 -1.00
N ALA A 234 24.70 -15.81 -2.03
CA ALA A 234 24.92 -14.78 -3.05
C ALA A 234 24.65 -13.39 -2.47
N TRP A 235 23.60 -13.30 -1.66
CA TRP A 235 23.31 -12.06 -0.97
C TRP A 235 24.47 -11.64 -0.08
N ASN A 236 24.95 -12.56 0.73
CA ASN A 236 26.01 -12.26 1.69
C ASN A 236 27.31 -11.88 0.99
N ASP A 237 27.55 -12.44 -0.18
CA ASP A 237 28.78 -12.25 -0.94
C ASP A 237 28.65 -11.08 -1.92
N LYS A 238 27.46 -10.49 -1.96
CA LYS A 238 27.11 -9.43 -2.90
C LYS A 238 27.37 -9.83 -4.35
N ASP A 239 27.03 -11.05 -4.70
CA ASP A 239 27.14 -11.63 -6.03
C ASP A 239 25.78 -11.47 -6.74
N TRP A 240 25.69 -10.26 -7.33
CA TRP A 240 24.47 -9.84 -7.99
C TRP A 240 24.13 -10.77 -9.13
N ASN A 241 25.08 -11.12 -9.99
CA ASN A 241 24.79 -11.99 -11.12
C ASN A 241 24.16 -13.30 -10.67
N THR A 242 24.74 -13.91 -9.66
CA THR A 242 24.22 -15.17 -9.18
C THR A 242 22.85 -15.00 -8.52
N PHE A 243 22.76 -13.92 -7.74
CA PHE A 243 21.49 -13.63 -7.08
C PHE A 243 20.34 -13.42 -8.08
N ARG A 244 20.59 -12.47 -8.97
CA ARG A 244 19.64 -12.13 -10.02
C ARG A 244 19.21 -13.34 -10.86
N ASN A 245 20.16 -14.21 -11.20
CA ASN A 245 19.86 -15.33 -12.07
C ASN A 245 18.96 -16.37 -11.40
N PHE A 246 18.73 -16.28 -10.09
CA PHE A 246 17.74 -17.16 -9.46
C PHE A 246 16.32 -16.79 -9.90
N GLY A 247 16.17 -15.61 -10.50
CA GLY A 247 14.91 -15.22 -11.12
C GLY A 247 14.09 -14.35 -10.19
N ILE A 248 13.79 -13.13 -10.62
CA ILE A 248 13.05 -12.19 -9.79
C ILE A 248 11.66 -11.87 -10.34
N LEU A 249 10.67 -12.11 -9.50
CA LEU A 249 9.30 -11.67 -9.76
C LEU A 249 9.07 -10.28 -9.18
N HIS A 250 8.37 -9.44 -9.93
CA HIS A 250 8.16 -8.06 -9.55
C HIS A 250 6.81 -7.56 -10.05
N GLY A 251 6.41 -6.37 -9.60
CA GLY A 251 5.22 -5.71 -10.15
C GLY A 251 5.60 -4.77 -11.28
N LYS A 252 4.65 -3.88 -11.63
CA LYS A 252 4.93 -2.92 -12.68
C LYS A 252 6.02 -1.95 -12.25
N ASP A 253 6.73 -1.36 -13.22
CA ASP A 253 7.85 -0.53 -12.84
C ASP A 253 7.43 0.80 -12.19
N ASN A 254 6.13 1.10 -12.18
CA ASN A 254 5.70 2.31 -11.47
C ASN A 254 5.20 2.01 -10.07
N SER A 255 5.36 0.75 -9.63
CA SER A 255 4.99 0.38 -8.28
C SER A 255 6.06 0.75 -7.25
N SER A 256 5.69 1.35 -6.12
CA SER A 256 6.67 1.54 -5.05
C SER A 256 6.97 0.20 -4.37
N SER A 257 5.96 -0.46 -3.82
CA SER A 257 6.16 -1.63 -2.98
C SER A 257 6.36 -2.93 -3.75
N LYS A 258 6.20 -2.96 -5.06
CA LYS A 258 6.44 -4.17 -5.86
C LYS A 258 7.51 -3.94 -6.90
N PHE A 259 8.23 -2.84 -6.74
CA PHE A 259 9.31 -2.53 -7.69
C PHE A 259 10.36 -1.56 -7.14
N LYS A 260 10.02 -0.29 -6.97
CA LYS A 260 11.01 0.72 -6.68
C LYS A 260 11.62 0.58 -5.29
N LEU A 261 10.87 0.27 -4.25
CA LEU A 261 11.48 0.19 -2.92
C LEU A 261 12.47 -0.96 -2.85
N GLU A 262 12.13 -2.07 -3.50
CA GLU A 262 13.05 -3.22 -3.53
C GLU A 262 14.26 -2.92 -4.40
N GLU A 263 14.05 -2.26 -5.54
CA GLU A 263 15.18 -1.83 -6.36
C GLU A 263 16.19 -1.06 -5.54
N THR A 264 15.75 -0.11 -4.70
CA THR A 264 16.62 0.65 -3.83
C THR A 264 17.41 -0.25 -2.87
N ILE A 265 16.75 -1.20 -2.22
CA ILE A 265 17.50 -2.10 -1.33
C ILE A 265 18.58 -2.90 -2.07
N LEU A 266 18.25 -3.42 -3.24
CA LEU A 266 19.18 -4.20 -4.06
C LEU A 266 20.34 -3.36 -4.53
N LYS A 267 20.06 -2.12 -4.94
CA LYS A 267 21.13 -1.21 -5.30
C LYS A 267 22.01 -0.85 -4.13
N ASN A 268 21.47 -0.61 -2.94
CA ASN A 268 22.22 -0.26 -1.75
C ASN A 268 23.04 -1.45 -1.25
N HIS A 269 22.55 -2.67 -1.51
CA HIS A 269 23.24 -3.88 -1.06
C HIS A 269 24.33 -4.29 -2.06
N PHE A 270 23.93 -4.52 -3.30
CA PHE A 270 24.87 -4.93 -4.34
C PHE A 270 25.46 -3.72 -5.05
N GLN A 271 25.98 -2.78 -4.28
CA GLN A 271 26.59 -1.59 -4.85
C GLN A 271 27.56 -1.97 -5.96
N ASN A 272 27.62 -1.09 -6.93
CA ASN A 272 28.38 -1.06 -8.16
C ASN A 272 27.92 -2.13 -9.11
N LYS A 273 27.05 -3.07 -8.73
CA LYS A 273 26.85 -4.17 -9.66
C LYS A 273 25.85 -3.90 -10.77
N PHE A 274 24.94 -2.95 -10.60
CA PHE A 274 24.00 -2.57 -11.65
C PHE A 274 23.51 -1.12 -11.50
N THR A 275 22.93 -0.48 -12.50
CA THR A 275 22.41 0.89 -12.50
C THR A 275 20.95 1.00 -12.07
N THR A 276 20.06 0.27 -12.86
CA THR A 276 18.66 0.19 -12.52
C THR A 276 18.18 -1.22 -12.83
N LEU A 277 17.09 -1.59 -12.16
CA LEU A 277 16.48 -2.88 -12.49
C LEU A 277 16.00 -2.91 -13.94
N ASN A 278 15.46 -1.80 -14.47
CA ASN A 278 15.04 -1.83 -15.88
C ASN A 278 16.22 -2.06 -16.82
N GLU A 279 17.34 -1.41 -16.55
CA GLU A 279 18.51 -1.62 -17.41
C GLU A 279 19.02 -3.05 -17.28
N ASP A 280 19.09 -3.56 -16.06
CA ASP A 280 19.51 -4.95 -15.85
C ASP A 280 18.58 -5.93 -16.54
N ARG A 281 17.26 -5.73 -16.46
CA ARG A 281 16.33 -6.64 -17.13
C ARG A 281 16.48 -6.62 -18.63
N SER A 282 16.82 -5.46 -19.22
CA SER A 282 16.96 -5.38 -20.66
C SER A 282 18.13 -6.19 -21.18
N ALA A 283 19.09 -6.46 -20.30
CA ALA A 283 20.23 -7.26 -20.71
C ALA A 283 20.09 -8.70 -20.23
N HIS A 284 19.16 -8.96 -19.32
CA HIS A 284 18.96 -10.27 -18.65
C HIS A 284 17.48 -10.59 -18.56
N PRO A 285 16.76 -10.64 -19.68
CA PRO A 285 15.30 -10.66 -19.63
C PRO A 285 14.65 -11.90 -19.07
N ASN A 286 15.27 -13.06 -19.16
CA ASN A 286 14.73 -14.30 -18.65
C ASN A 286 14.92 -14.40 -17.13
N ALA A 287 15.60 -13.44 -16.54
CA ALA A 287 15.79 -13.42 -15.09
C ALA A 287 14.70 -12.64 -14.37
N TYR A 288 13.71 -12.14 -15.10
CA TYR A 288 12.66 -11.31 -14.56
C TYR A 288 11.29 -11.69 -15.11
N LYS A 289 10.28 -11.57 -14.28
CA LYS A 289 8.90 -11.81 -14.70
C LYS A 289 7.95 -10.99 -13.84
N GLN A 290 6.90 -10.47 -14.47
CA GLN A 290 5.94 -9.65 -13.73
C GLN A 290 4.78 -10.53 -13.26
N LYS A 291 4.78 -10.82 -11.97
CA LYS A 291 3.82 -11.69 -11.33
C LYS A 291 3.75 -11.36 -9.84
N SER A 292 2.61 -11.63 -9.21
CA SER A 292 2.45 -11.46 -7.77
C SER A 292 3.30 -12.45 -7.00
N ALA A 293 3.88 -12.03 -5.90
CA ALA A 293 4.69 -12.88 -5.05
C ALA A 293 3.92 -14.09 -4.56
N ASP A 294 2.59 -14.00 -4.46
CA ASP A 294 1.93 -15.20 -3.94
C ASP A 294 1.88 -16.33 -4.97
N THR A 295 2.37 -16.16 -6.18
CA THR A 295 2.52 -17.20 -7.16
C THR A 295 3.95 -17.73 -7.27
N LEU A 296 4.85 -17.21 -6.46
CA LEU A 296 6.26 -17.66 -6.58
C LEU A 296 6.43 -19.16 -6.52
N GLY A 297 5.63 -19.81 -5.67
CA GLY A 297 5.75 -21.24 -5.47
C GLY A 297 5.42 -22.07 -6.68
N THR A 298 4.76 -21.50 -7.68
CA THR A 298 4.34 -22.22 -8.87
C THR A 298 5.34 -22.15 -9.99
N LEU A 299 6.41 -21.36 -9.81
CA LEU A 299 7.31 -21.11 -10.92
C LEU A 299 8.69 -21.66 -10.65
N ASP A 300 9.07 -22.72 -11.36
CA ASP A 300 10.33 -23.38 -10.96
C ASP A 300 11.57 -22.58 -11.30
N ASP A 301 11.47 -21.62 -12.23
CA ASP A 301 12.65 -20.87 -12.66
C ASP A 301 12.79 -19.50 -11.99
N PHE A 302 11.95 -19.23 -11.00
CA PHE A 302 11.96 -18.01 -10.22
C PHE A 302 12.02 -18.34 -8.72
N HIS A 303 12.90 -17.62 -8.01
CA HIS A 303 13.10 -17.85 -6.58
C HIS A 303 13.14 -16.62 -5.71
N ILE A 304 12.94 -15.43 -6.30
CA ILE A 304 12.89 -14.18 -5.56
C ILE A 304 11.61 -13.44 -5.95
N ALA A 305 10.96 -12.78 -5.01
CA ALA A 305 9.77 -12.01 -5.37
C ALA A 305 9.62 -10.76 -4.52
N PHE A 306 9.06 -9.72 -5.14
CA PHE A 306 8.75 -8.49 -4.43
C PHE A 306 7.28 -8.44 -4.05
N SER A 307 7.00 -7.90 -2.86
CA SER A 307 5.60 -7.64 -2.51
C SER A 307 5.51 -6.56 -1.46
N GLU A 308 4.26 -6.15 -1.21
CA GLU A 308 4.02 -5.35 -0.02
C GLU A 308 4.42 -6.13 1.21
N GLU A 309 5.01 -5.46 2.17
CA GLU A 309 5.26 -6.08 3.46
C GLU A 309 3.96 -6.67 4.00
N GLY A 310 4.01 -7.93 4.40
CA GLY A 310 2.88 -8.56 5.05
C GLY A 310 1.64 -8.76 4.21
N SER A 311 1.76 -8.84 2.89
CA SER A 311 0.62 -9.02 2.01
C SER A 311 -0.18 -10.26 2.37
N PHE A 312 0.44 -11.26 3.01
CA PHE A 312 -0.28 -12.46 3.43
C PHE A 312 -1.37 -12.13 4.44
N ALA A 313 -1.23 -11.02 5.15
CA ALA A 313 -2.14 -10.62 6.20
C ALA A 313 -3.53 -10.28 5.65
N TRP A 314 -3.66 -9.88 4.41
CA TRP A 314 -4.97 -9.64 3.82
C TRP A 314 -5.30 -10.61 2.70
N THR A 315 -4.62 -11.76 2.70
CA THR A 315 -4.74 -12.77 1.65
C THR A 315 -5.23 -14.04 2.35
N HIS A 316 -6.47 -14.42 2.09
CA HIS A 316 -7.03 -15.58 2.79
C HIS A 316 -6.35 -16.84 2.31
N ASN A 317 -5.91 -17.70 3.22
CA ASN A 317 -5.12 -18.82 2.72
C ASN A 317 -5.99 -19.87 2.04
N LYS A 318 -7.31 -19.79 2.21
CA LYS A 318 -8.21 -20.71 1.57
C LYS A 318 -8.56 -20.26 0.14
N SER A 319 -8.06 -19.11 -0.30
CA SER A 319 -8.39 -18.66 -1.66
C SER A 319 -8.09 -19.70 -2.71
N ALA A 320 -8.97 -19.79 -3.71
CA ALA A 320 -8.85 -20.83 -4.73
C ALA A 320 -7.57 -20.67 -5.55
N THR A 321 -7.00 -19.49 -5.49
CA THR A 321 -5.74 -19.25 -6.20
C THR A 321 -4.56 -19.96 -5.50
N LYS A 322 -4.83 -20.51 -4.33
CA LYS A 322 -3.77 -21.19 -3.58
C LYS A 322 -2.56 -20.30 -3.29
N PRO A 323 -2.78 -19.16 -2.66
CA PRO A 323 -1.73 -18.16 -2.47
C PRO A 323 -0.60 -18.64 -1.53
N PHE A 324 0.61 -18.38 -1.98
CA PHE A 324 1.86 -18.67 -1.29
C PHE A 324 2.14 -20.18 -1.24
N GLU A 325 1.37 -20.99 -1.96
CA GLU A 325 1.67 -22.43 -1.96
C GLU A 325 3.02 -22.71 -2.61
N THR A 326 3.77 -23.63 -2.01
CA THR A 326 5.05 -24.11 -2.51
C THR A 326 5.05 -25.64 -2.59
N LYS A 327 6.00 -26.16 -3.35
CA LYS A 327 6.21 -27.60 -3.42
C LYS A 327 6.53 -28.10 -2.02
N ALA A 328 6.34 -29.42 -1.90
CA ALA A 328 6.47 -30.11 -0.65
C ALA A 328 7.81 -29.87 0.00
N ASN A 329 8.89 -29.97 -0.79
CA ASN A 329 10.19 -29.79 -0.09
C ASN A 329 10.78 -28.40 -0.28
N GLU A 330 9.95 -27.41 -0.61
CA GLU A 330 10.40 -26.04 -0.71
C GLU A 330 9.66 -25.16 0.30
N LYS A 331 10.25 -24.02 0.62
CA LYS A 331 9.70 -23.05 1.51
C LYS A 331 9.90 -21.68 0.85
N MET A 332 9.01 -20.77 1.20
CA MET A 332 9.10 -19.37 0.89
C MET A 332 9.28 -18.57 2.16
N GLU A 333 10.25 -17.67 2.22
CA GLU A 333 10.50 -16.90 3.42
C GLU A 333 10.95 -15.49 3.08
N ALA A 334 10.82 -14.61 4.05
CA ALA A 334 11.25 -13.24 3.90
C ALA A 334 12.77 -13.15 4.00
N LEU A 335 13.36 -12.40 3.08
CA LEU A 335 14.78 -12.08 3.13
C LEU A 335 15.08 -10.76 3.82
N ILE A 336 14.36 -9.71 3.41
CA ILE A 336 14.56 -8.38 3.95
C ILE A 336 13.33 -7.53 3.58
N VAL A 337 13.02 -6.56 4.42
CA VAL A 337 11.97 -5.60 4.01
C VAL A 337 12.63 -4.36 3.45
N THR A 338 11.85 -3.35 3.09
CA THR A 338 12.42 -2.13 2.52
C THR A 338 12.32 -0.96 3.49
N ASN A 339 12.79 0.20 3.03
CA ASN A 339 12.63 1.47 3.71
C ASN A 339 11.14 1.84 3.62
N PRO A 340 10.70 2.67 4.56
CA PRO A 340 9.27 3.00 4.64
C PRO A 340 8.84 4.26 3.89
N ILE A 341 7.60 4.20 3.36
CA ILE A 341 7.04 5.41 2.72
C ILE A 341 5.62 5.61 3.21
N PRO A 342 5.01 6.78 3.04
CA PRO A 342 3.69 6.99 3.63
C PRO A 342 2.58 6.15 3.04
N TYR A 343 1.55 5.89 3.86
CA TYR A 343 0.36 5.23 3.34
C TYR A 343 -0.35 6.19 2.38
N ASP A 344 -1.52 5.81 1.89
CA ASP A 344 -2.16 6.52 0.79
C ASP A 344 -2.59 7.94 1.20
N VAL A 345 -2.65 8.78 0.19
CA VAL A 345 -2.94 10.20 0.35
C VAL A 345 -4.19 10.59 -0.42
N GLY A 346 -5.05 11.33 0.25
CA GLY A 346 -6.25 11.89 -0.36
C GLY A 346 -5.94 13.26 -0.97
N VAL A 347 -6.36 13.37 -2.22
CA VAL A 347 -6.05 14.51 -3.05
C VAL A 347 -7.29 15.08 -3.70
N PHE A 348 -7.38 16.40 -3.72
CA PHE A 348 -8.47 17.14 -4.30
C PHE A 348 -8.14 17.76 -5.65
N ARG A 349 -9.13 17.88 -6.52
CA ARG A 349 -9.01 18.82 -7.63
C ARG A 349 -8.82 20.22 -7.02
N LYS A 350 -8.07 21.05 -7.74
CA LYS A 350 -7.52 22.27 -7.19
C LYS A 350 -8.57 23.28 -6.78
N SER A 351 -9.67 23.34 -7.53
CA SER A 351 -10.65 24.39 -7.28
C SER A 351 -11.71 24.07 -6.26
N VAL A 352 -11.66 22.95 -5.54
CA VAL A 352 -12.59 22.77 -4.43
C VAL A 352 -12.28 23.77 -3.35
N ASN A 353 -13.26 24.49 -2.82
CA ASN A 353 -13.03 25.48 -1.78
C ASN A 353 -12.23 24.95 -0.60
N GLN A 354 -11.23 25.67 -0.13
CA GLN A 354 -10.37 25.26 0.97
C GLN A 354 -11.10 24.94 2.25
N LEU A 355 -12.12 25.71 2.61
CA LEU A 355 -12.94 25.46 3.78
C LEU A 355 -13.63 24.10 3.64
N GLU A 356 -14.14 23.82 2.44
CA GLU A 356 -14.79 22.53 2.16
C GLU A 356 -13.77 21.39 2.25
N GLN A 357 -12.58 21.59 1.70
CA GLN A 357 -11.55 20.54 1.77
C GLN A 357 -11.25 20.19 3.21
N ASN A 358 -11.01 21.19 4.06
CA ASN A 358 -10.70 20.97 5.45
C ASN A 358 -11.84 20.30 6.19
N LEU A 359 -13.10 20.62 5.89
CA LEU A 359 -14.24 19.93 6.51
C LEU A 359 -14.32 18.47 6.05
N ILE A 360 -13.95 18.22 4.81
CA ILE A 360 -13.95 16.83 4.30
C ILE A 360 -12.83 16.07 5.02
N VAL A 361 -11.66 16.65 5.16
CA VAL A 361 -10.59 15.97 5.92
C VAL A 361 -11.04 15.64 7.32
N GLN A 362 -11.63 16.61 8.05
CA GLN A 362 -12.04 16.39 9.41
C GLN A 362 -13.15 15.36 9.51
N THR A 363 -13.97 15.30 8.46
CA THR A 363 -15.03 14.29 8.44
C THR A 363 -14.42 12.87 8.38
N PHE A 364 -13.39 12.66 7.58
CA PHE A 364 -12.71 11.36 7.56
C PHE A 364 -12.22 11.03 8.97
N ILE A 365 -11.55 11.97 9.61
CA ILE A 365 -10.95 11.81 10.93
C ILE A 365 -12.00 11.45 11.95
N ASN A 366 -13.10 12.23 11.93
CA ASN A 366 -14.15 12.00 12.92
C ASN A 366 -14.89 10.70 12.67
N LEU A 367 -15.09 10.26 11.44
CA LEU A 367 -15.74 9.01 11.10
C LEU A 367 -14.91 7.82 11.64
N ALA A 368 -13.60 7.95 11.52
CA ALA A 368 -12.71 6.89 12.02
C ALA A 368 -12.82 6.86 13.54
N LYS A 369 -12.78 8.03 14.16
CA LYS A 369 -12.85 8.09 15.61
C LYS A 369 -14.13 7.45 16.14
N ASN A 370 -15.26 7.75 15.52
CA ASN A 370 -16.56 7.26 15.99
C ASN A 370 -16.95 5.92 15.40
N LYS A 371 -15.99 5.27 14.74
CA LYS A 371 -16.16 3.97 14.15
C LYS A 371 -17.32 3.88 13.17
N GLN A 372 -17.45 4.92 12.35
CA GLN A 372 -18.49 5.00 11.35
C GLN A 372 -17.89 4.84 9.96
N ASP A 373 -16.58 4.59 9.88
CA ASP A 373 -16.01 4.42 8.55
C ASP A 373 -16.10 2.98 8.10
N THR A 374 -17.07 2.70 7.26
CA THR A 374 -17.29 1.36 6.76
C THR A 374 -16.45 1.06 5.54
N TYR A 375 -15.80 2.08 4.98
CA TYR A 375 -15.06 1.91 3.74
C TYR A 375 -13.55 1.75 3.92
N GLY A 376 -12.94 2.71 4.58
CA GLY A 376 -11.50 2.76 4.75
C GLY A 376 -10.86 1.46 5.20
N PRO A 377 -11.37 0.85 6.25
CA PRO A 377 -10.68 -0.36 6.77
C PRO A 377 -10.65 -1.48 5.76
N LEU A 378 -11.51 -1.50 4.76
CA LEU A 378 -11.47 -2.53 3.72
C LEU A 378 -10.27 -2.40 2.78
N LEU A 379 -9.69 -1.21 2.81
CA LEU A 379 -8.53 -0.87 2.01
C LEU A 379 -7.28 -0.77 2.87
N GLY A 380 -7.39 -0.96 4.18
CA GLY A 380 -6.24 -0.79 5.04
C GLY A 380 -6.18 0.57 5.70
N TYR A 381 -7.21 1.42 5.51
CA TYR A 381 -7.19 2.75 6.09
C TYR A 381 -7.90 2.72 7.44
N ASN A 382 -7.11 2.64 8.50
CA ASN A 382 -7.60 2.51 9.86
C ASN A 382 -7.54 3.82 10.62
N GLY A 383 -7.08 4.88 9.99
CA GLY A 383 -7.00 6.19 10.61
C GLY A 383 -6.68 7.21 9.53
N TYR A 384 -6.81 8.47 9.89
CA TYR A 384 -6.57 9.60 9.01
C TYR A 384 -5.95 10.77 9.75
N LYS A 385 -5.14 11.57 9.07
CA LYS A 385 -4.58 12.81 9.58
C LYS A 385 -4.69 13.87 8.49
N LYS A 386 -4.74 15.15 8.82
CA LYS A 386 -4.60 16.24 7.90
C LYS A 386 -3.16 16.36 7.40
N ILE A 387 -2.94 16.62 6.12
CA ILE A 387 -1.58 16.96 5.72
C ILE A 387 -1.33 18.45 5.94
N ASP A 388 -0.34 18.73 6.77
CA ASP A 388 -0.02 20.13 7.10
C ASP A 388 1.07 20.67 6.18
N ASN A 389 1.92 19.77 5.68
CA ASN A 389 3.05 20.10 4.85
C ASN A 389 3.40 18.91 3.95
N PHE A 390 2.94 18.95 2.73
CA PHE A 390 3.09 17.80 1.84
C PHE A 390 4.57 17.53 1.54
N GLN A 391 5.35 18.58 1.33
CA GLN A 391 6.76 18.34 1.03
C GLN A 391 7.49 17.61 2.14
N LYS A 392 7.23 18.01 3.38
CA LYS A 392 7.87 17.43 4.55
C LYS A 392 7.34 16.06 4.95
N GLU A 393 6.01 15.93 4.96
CA GLU A 393 5.37 14.77 5.48
C GLU A 393 5.29 13.63 4.46
N ILE A 394 5.31 13.96 3.20
CA ILE A 394 5.17 12.93 2.17
C ILE A 394 6.38 12.88 1.24
N VAL A 395 6.68 13.99 0.60
CA VAL A 395 7.71 13.97 -0.42
C VAL A 395 9.08 13.59 0.18
N GLU A 396 9.45 14.24 1.25
CA GLU A 396 10.78 13.98 1.81
C GLU A 396 10.81 12.55 2.35
N VAL A 397 9.73 12.03 2.81
CA VAL A 397 9.77 10.70 3.35
C VAL A 397 9.97 9.71 2.23
N TYR A 398 9.23 9.90 1.14
CA TYR A 398 9.36 9.04 -0.03
C TYR A 398 10.77 9.11 -0.60
N GLU A 399 11.29 10.34 -0.72
CA GLU A 399 12.61 10.48 -1.35
C GLU A 399 13.69 9.81 -0.49
N LYS A 400 13.60 9.88 0.82
CA LYS A 400 14.61 9.23 1.67
C LYS A 400 14.57 7.72 1.46
N ALA A 401 13.38 7.17 1.21
CA ALA A 401 13.25 5.70 1.11
C ALA A 401 13.83 5.15 -0.18
N ILE A 402 13.77 5.93 -1.26
CA ILE A 402 14.25 5.43 -2.54
C ILE A 402 15.70 5.81 -2.78
N LYS A 403 16.29 6.56 -1.87
CA LYS A 403 17.72 6.69 -1.70
C LYS A 403 18.22 5.52 -0.84
N1' TPP B . -4.91 -3.99 3.94
C2' TPP B . -6.09 -4.38 3.40
CM2 TPP B . -7.23 -4.80 4.32
N3' TPP B . -6.25 -4.40 2.06
C4' TPP B . -5.26 -3.91 1.27
N4' TPP B . -5.48 -3.85 -0.05
C5' TPP B . -4.01 -3.55 1.81
C6' TPP B . -3.88 -3.61 3.18
C7' TPP B . -2.81 -3.08 0.99
N3 TPP B . -2.72 -1.64 0.73
C2 TPP B . -3.77 -0.82 0.59
S1 TPP B . -3.20 0.81 0.33
C5 TPP B . -1.53 0.31 0.38
C4 TPP B . -1.51 -1.07 0.48
CM4 TPP B . -0.20 -1.83 0.78
C6 TPP B . -0.34 1.24 0.13
C7 TPP B . -0.21 1.56 -1.36
O7 TPP B . 0.10 0.35 -2.07
PA TPP B . -0.17 0.10 -3.62
O1A TPP B . -0.04 -1.35 -3.89
O2A TPP B . -1.51 0.69 -4.02
O3A TPP B . 0.86 0.97 -4.43
PB TPP B . 2.34 0.53 -4.87
O1B TPP B . 3.18 0.29 -3.64
O2B TPP B . 2.86 1.77 -5.70
O3B TPP B . 2.28 -0.71 -5.85
C1 GOL C . 30.92 -11.09 -5.85
O1 GOL C . 30.97 -11.79 -4.59
C2 GOL C . 32.16 -10.23 -6.05
O2 GOL C . 32.00 -9.38 -7.19
C3 GOL C . 32.48 -9.42 -4.80
O3 GOL C . 31.39 -8.64 -4.38
CA CA D . -18.44 17.91 -7.59
CA CA E . 6.40 -26.12 0.97
BR BR F . -11.69 -21.89 11.41
BR BR G . -27.37 15.83 5.87
BR BR H . 1.56 -11.09 -2.75
BR BR I . -26.77 19.44 9.14
BR BR J . 9.52 -8.70 -16.66
BR BR K . 1.99 -3.54 -9.59
BR BR L . -14.46 26.15 11.71
#